data_7IFJ
#
_entry.id   7IFJ
#
_cell.length_a   45.230
_cell.length_b   72.910
_cell.length_c   52.400
_cell.angle_alpha   90.00
_cell.angle_beta   109.42
_cell.angle_gamma   90.00
#
_symmetry.space_group_name_H-M   'P 1 21 1'
#
loop_
_entity.id
_entity.type
_entity.pdbx_description
1 polymer Endothiapepsin
2 non-polymer "N-{[4-(methanesulfonyl)phenyl]methyl}-N'-{[(3R)-oxolan-3-yl]methyl}urea"
3 water water
#
_entity_poly.entity_id   1
_entity_poly.type   'polypeptide(L)'
_entity_poly.pdbx_seq_one_letter_code
;STGSATTTPIDSLDDAYITPVQIGTPAQTLNLDFDTGSSDLWVFSSETTASEVDGQTIYTPSKSTTAKLLSGATWSISYG
DGSSSSGDVYTDTVSVGGLTVTGQAVESAKKVSSSFTEDSTIDGLLGLAFSTLNTVSPTQQKTFFDNAKASLDSPVFTAD
LGYHAPGTYNFGFIDTTAYTGSITYTAVSTKQGFWEWTSTGYAVGSGTFKSTSIDGIADTGTTLLYLPATVVSAYWAQVS
GAKSSSSVGGYVFPCSATLPSFTFGVGSARIVIPGDYIDFGPISTGSSSCFGGIQSSAGIGINIFGDVALKAAFVVFNGA
TTPTLGFASK
;
_entity_poly.pdbx_strand_id   A
#
loop_
_chem_comp.id
_chem_comp.type
_chem_comp.name
_chem_comp.formula
A1CGR non-polymer N-{[4-(methanesulfonyl)phenyl]methyl}-N'-{[(3R)-oxolan-3-yl]methyl}urea 'C14 H20 N2 O4 S'
#
# COMPACT_ATOMS: atom_id res chain seq x y z
N SER A 1 -5.09 -17.59 17.00
CA SER A 1 -6.00 -17.37 15.86
C SER A 1 -5.20 -16.99 14.61
N THR A 2 -5.84 -17.14 13.48
CA THR A 2 -5.27 -16.69 12.19
C THR A 2 -6.41 -16.13 11.36
N GLY A 3 -6.06 -15.37 10.33
CA GLY A 3 -7.01 -14.97 9.29
C GLY A 3 -6.35 -15.07 7.94
N SER A 4 -7.15 -15.24 6.90
CA SER A 4 -6.63 -15.33 5.52
C SER A 4 -7.68 -14.77 4.58
N ALA A 5 -7.33 -13.74 3.83
CA ALA A 5 -8.29 -13.10 2.92
C ALA A 5 -7.61 -12.88 1.58
N THR A 6 -8.39 -13.05 0.52
CA THR A 6 -7.96 -12.74 -0.84
C THR A 6 -8.02 -11.25 -1.11
N THR A 7 -6.98 -10.74 -1.76
CA THR A 7 -6.87 -9.34 -2.20
C THR A 7 -6.90 -9.30 -3.70
N THR A 8 -7.65 -8.36 -4.28
CA THR A 8 -7.97 -8.40 -5.72
C THR A 8 -7.63 -7.05 -6.30
N PRO A 9 -6.91 -6.97 -7.43
N PRO A 9 -6.87 -6.98 -7.41
N PRO A 9 -6.91 -6.97 -7.43
N PRO A 9 -6.87 -6.98 -7.41
CA PRO A 9 -6.64 -5.69 -8.06
CA PRO A 9 -6.66 -5.70 -8.08
CA PRO A 9 -6.64 -5.69 -8.06
CA PRO A 9 -6.66 -5.70 -8.08
C PRO A 9 -7.96 -5.01 -8.46
C PRO A 9 -7.99 -5.01 -8.43
C PRO A 9 -7.96 -5.01 -8.46
C PRO A 9 -7.99 -5.01 -8.43
N ILE A 10 -8.02 -3.69 -8.30
CA ILE A 10 -9.26 -2.92 -8.61
C ILE A 10 -9.45 -2.73 -10.10
N ASP A 11 -8.40 -2.90 -10.90
CA ASP A 11 -8.46 -2.63 -12.34
C ASP A 11 -7.35 -3.38 -13.02
N SER A 12 -7.25 -3.24 -14.34
CA SER A 12 -6.33 -4.03 -15.18
C SER A 12 -4.86 -3.62 -15.00
N LEU A 13 -4.62 -2.52 -14.28
CA LEU A 13 -3.24 -2.00 -14.07
C LEU A 13 -2.74 -2.31 -12.67
N ASP A 14 -3.54 -2.93 -11.79
CA ASP A 14 -3.15 -3.14 -10.38
C ASP A 14 -2.94 -1.76 -9.74
N ASP A 15 -3.83 -0.80 -9.97
CA ASP A 15 -3.68 0.53 -9.35
C ASP A 15 -3.79 0.44 -7.84
N ALA A 16 -4.53 -0.55 -7.35
CA ALA A 16 -4.69 -0.80 -5.90
C ALA A 16 -5.33 -2.15 -5.78
N TYR A 17 -5.40 -2.64 -4.55
CA TYR A 17 -5.96 -3.96 -4.22
C TYR A 17 -7.03 -3.79 -3.16
N ILE A 18 -8.11 -4.52 -3.29
CA ILE A 18 -9.21 -4.52 -2.31
C ILE A 18 -9.39 -5.87 -1.70
N THR A 19 -9.69 -5.87 -0.41
CA THR A 19 -9.83 -7.04 0.43
C THR A 19 -11.15 -6.91 1.15
N PRO A 20 -12.02 -7.93 1.14
CA PRO A 20 -13.31 -7.82 1.80
C PRO A 20 -13.08 -7.89 3.33
N VAL A 21 -13.83 -7.03 4.02
CA VAL A 21 -13.74 -6.88 5.48
C VAL A 21 -15.17 -6.87 6.03
N GLN A 22 -15.45 -7.72 7.00
CA GLN A 22 -16.77 -7.76 7.66
C GLN A 22 -16.79 -6.78 8.82
N ILE A 23 -17.78 -5.87 8.85
CA ILE A 23 -17.88 -4.85 9.92
C ILE A 23 -19.28 -4.96 10.52
N GLY A 24 -19.37 -5.10 11.83
CA GLY A 24 -20.67 -4.98 12.49
C GLY A 24 -21.42 -6.28 12.60
N THR A 25 -22.62 -6.18 13.16
CA THR A 25 -23.51 -7.34 13.47
C THR A 25 -24.92 -6.96 13.10
N PRO A 26 -25.58 -7.58 12.12
CA PRO A 26 -24.99 -8.57 11.22
C PRO A 26 -23.87 -7.93 10.39
N ALA A 27 -23.02 -8.78 9.80
CA ALA A 27 -21.86 -8.31 9.02
C ALA A 27 -22.32 -7.40 7.90
N GLN A 28 -21.56 -6.32 7.73
CA GLN A 28 -21.59 -5.46 6.54
C GLN A 28 -20.24 -5.63 5.88
N THR A 29 -20.19 -6.15 4.67
CA THR A 29 -18.92 -6.44 4.01
C THR A 29 -18.56 -5.27 3.10
N LEU A 30 -17.40 -4.66 3.37
CA LEU A 30 -16.85 -3.54 2.59
C LEU A 30 -15.51 -4.00 2.03
N ASN A 31 -15.17 -3.49 0.87
CA ASN A 31 -13.91 -3.81 0.19
C ASN A 31 -12.93 -2.70 0.48
N LEU A 32 -11.95 -3.03 1.33
CA LEU A 32 -11.02 -2.01 1.84
C LEU A 32 -9.65 -2.18 1.20
N ASP A 33 -8.97 -1.05 1.07
N ASP A 33 -8.97 -1.05 1.07
N ASP A 33 -8.96 -1.04 1.11
N ASP A 33 -8.96 -1.04 1.11
CA ASP A 33 -7.57 -0.97 0.60
CA ASP A 33 -7.57 -0.97 0.60
CA ASP A 33 -7.56 -0.96 0.62
CA ASP A 33 -7.56 -0.96 0.62
C ASP A 33 -6.68 -1.16 1.84
C ASP A 33 -6.68 -1.16 1.84
C ASP A 33 -6.66 -1.15 1.84
C ASP A 33 -6.66 -1.15 1.84
N PHE A 34 -6.02 -2.31 1.94
CA PHE A 34 -5.09 -2.59 3.05
C PHE A 34 -3.83 -1.80 2.78
N ASP A 35 -3.49 -0.92 3.71
N ASP A 35 -3.49 -0.92 3.71
N ASP A 35 -3.48 -0.95 3.73
N ASP A 35 -3.48 -0.95 3.73
CA ASP A 35 -2.45 0.12 3.51
CA ASP A 35 -2.44 0.11 3.50
CA ASP A 35 -2.46 0.11 3.53
CA ASP A 35 -2.46 0.11 3.53
C ASP A 35 -1.39 0.01 4.61
C ASP A 35 -1.39 0.01 4.61
C ASP A 35 -1.39 0.00 4.63
C ASP A 35 -1.39 0.00 4.63
N THR A 36 -0.25 -0.60 4.31
CA THR A 36 0.87 -0.69 5.31
C THR A 36 1.58 0.66 5.44
N GLY A 37 1.15 1.71 4.76
CA GLY A 37 1.66 3.08 4.89
C GLY A 37 0.77 4.02 5.67
N SER A 38 -0.29 3.54 6.32
CA SER A 38 -1.11 4.41 7.19
C SER A 38 -1.75 3.54 8.24
N SER A 39 -2.44 4.20 9.18
CA SER A 39 -2.81 3.52 10.44
C SER A 39 -4.24 3.80 10.85
N ASP A 40 -5.09 4.15 9.87
CA ASP A 40 -6.51 4.43 10.13
C ASP A 40 -7.31 3.39 9.36
N LEU A 41 -8.32 2.83 10.01
CA LEU A 41 -9.33 2.00 9.33
C LEU A 41 -10.53 2.91 9.18
N TRP A 42 -10.75 3.40 7.97
CA TRP A 42 -11.88 4.32 7.72
C TRP A 42 -12.71 3.83 6.56
N VAL A 43 -13.99 4.14 6.62
CA VAL A 43 -14.97 3.64 5.63
C VAL A 43 -15.90 4.72 5.16
N PHE A 44 -16.31 4.58 3.92
CA PHE A 44 -17.54 5.25 3.44
C PHE A 44 -18.68 4.79 4.33
N SER A 45 -19.61 5.69 4.61
CA SER A 45 -20.63 5.37 5.61
C SER A 45 -21.94 6.06 5.27
N SER A 46 -22.93 5.77 6.10
CA SER A 46 -24.24 6.46 6.09
C SER A 46 -24.05 7.93 6.46
N GLU A 47 -22.92 8.32 7.02
CA GLU A 47 -22.63 9.72 7.42
C GLU A 47 -21.90 10.48 6.32
N THR A 48 -21.40 9.80 5.31
CA THR A 48 -20.59 10.49 4.26
C THR A 48 -21.51 11.43 3.48
N THR A 49 -21.07 12.68 3.30
CA THR A 49 -21.75 13.66 2.42
C THR A 49 -22.26 12.96 1.15
N ALA A 50 -23.56 13.03 0.87
CA ALA A 50 -24.20 12.23 -0.18
C ALA A 50 -23.52 12.50 -1.53
N SER A 51 -23.18 13.76 -1.82
CA SER A 51 -22.56 14.15 -3.11
C SER A 51 -21.16 13.52 -3.29
N GLU A 52 -20.57 13.00 -2.21
CA GLU A 52 -19.19 12.46 -2.24
C GLU A 52 -19.23 10.94 -2.31
N VAL A 53 -20.40 10.34 -2.33
CA VAL A 53 -20.55 8.87 -2.49
C VAL A 53 -20.96 8.62 -3.94
N ASP A 54 -20.25 7.75 -4.66
CA ASP A 54 -20.56 7.42 -6.08
C ASP A 54 -20.23 5.94 -6.33
N GLY A 55 -21.09 5.10 -5.81
CA GLY A 55 -21.06 3.66 -6.10
C GLY A 55 -20.40 2.83 -5.01
N GLN A 56 -19.78 3.47 -4.00
CA GLN A 56 -19.12 2.69 -2.93
C GLN A 56 -20.19 2.03 -2.07
N THR A 57 -19.82 0.91 -1.45
CA THR A 57 -20.61 0.31 -0.37
C THR A 57 -20.35 1.09 0.92
N ILE A 58 -21.42 1.38 1.65
CA ILE A 58 -21.31 2.17 2.89
C ILE A 58 -21.55 1.29 4.11
N TYR A 59 -20.84 1.65 5.17
CA TYR A 59 -21.09 1.14 6.52
C TYR A 59 -22.20 1.99 7.15
N THR A 60 -23.23 1.34 7.67
CA THR A 60 -24.33 2.05 8.39
C THR A 60 -24.29 1.62 9.84
N PRO A 61 -23.66 2.40 10.76
CA PRO A 61 -23.53 1.93 12.13
C PRO A 61 -24.86 1.71 12.83
N SER A 62 -25.89 2.45 12.44
CA SER A 62 -27.21 2.34 13.09
C SER A 62 -27.81 0.95 12.86
N LYS A 63 -27.33 0.20 11.86
CA LYS A 63 -27.83 -1.15 11.53
C LYS A 63 -26.96 -2.23 12.18
N SER A 64 -25.94 -1.86 12.94
CA SER A 64 -25.08 -2.81 13.64
C SER A 64 -25.36 -2.80 15.13
N THR A 65 -25.72 -3.94 15.65
CA THR A 65 -26.08 -4.05 17.07
C THR A 65 -24.86 -4.00 17.96
N THR A 66 -23.66 -4.08 17.39
CA THR A 66 -22.40 -4.04 18.15
C THR A 66 -21.68 -2.67 17.96
N ALA A 67 -22.22 -1.79 17.14
CA ALA A 67 -21.61 -0.47 16.93
C ALA A 67 -21.85 0.40 18.16
N LYS A 68 -20.82 1.11 18.58
N LYS A 68 -20.82 1.12 18.58
N LYS A 68 -20.82 1.11 18.58
N LYS A 68 -20.82 1.12 18.58
CA LYS A 68 -20.87 2.11 19.68
CA LYS A 68 -20.96 2.14 19.63
CA LYS A 68 -20.87 2.11 19.68
CA LYS A 68 -20.96 2.14 19.63
C LYS A 68 -20.19 3.39 19.19
C LYS A 68 -20.20 3.39 19.19
C LYS A 68 -20.19 3.39 19.19
C LYS A 68 -20.20 3.39 19.19
N LEU A 69 -20.84 4.55 19.32
CA LEU A 69 -20.16 5.82 19.03
C LEU A 69 -19.00 5.93 20.02
N LEU A 70 -17.83 6.26 19.52
CA LEU A 70 -16.69 6.58 20.39
C LEU A 70 -16.81 8.08 20.64
N SER A 71 -17.36 8.41 21.80
N SER A 71 -17.39 8.43 21.79
N SER A 71 -17.36 8.41 21.80
N SER A 71 -17.39 8.43 21.79
CA SER A 71 -17.86 9.79 22.07
CA SER A 71 -17.91 9.80 22.06
CA SER A 71 -17.86 9.79 22.07
CA SER A 71 -17.91 9.80 22.06
C SER A 71 -16.72 10.80 21.98
C SER A 71 -16.77 10.83 22.02
C SER A 71 -16.72 10.80 21.98
C SER A 71 -16.77 10.83 22.02
N GLY A 72 -16.91 11.85 21.17
CA GLY A 72 -15.96 12.96 21.08
C GLY A 72 -14.84 12.70 20.15
N ALA A 73 -14.72 11.48 19.62
CA ALA A 73 -13.53 11.17 18.80
C ALA A 73 -13.76 11.61 17.34
N THR A 74 -12.75 12.23 16.76
CA THR A 74 -12.76 12.62 15.34
C THR A 74 -11.46 12.18 14.71
N TRP A 75 -11.44 12.19 13.39
CA TRP A 75 -10.23 11.81 12.65
C TRP A 75 -10.17 12.64 11.38
N SER A 76 -8.96 12.80 10.91
CA SER A 76 -8.71 13.58 9.70
C SER A 76 -7.35 13.19 9.16
N ILE A 77 -7.32 12.74 7.90
CA ILE A 77 -6.05 12.23 7.33
C ILE A 77 -5.85 12.83 5.94
N SER A 78 -4.58 13.09 5.64
CA SER A 78 -4.12 13.57 4.32
C SER A 78 -3.03 12.62 3.89
N TYR A 79 -3.18 12.04 2.70
N TYR A 79 -3.18 12.04 2.70
N TYR A 79 -3.18 12.03 2.72
N TYR A 79 -3.18 12.03 2.72
CA TYR A 79 -2.28 11.01 2.12
CA TYR A 79 -2.28 11.01 2.12
CA TYR A 79 -2.22 11.04 2.17
CA TYR A 79 -2.22 11.04 2.17
C TYR A 79 -1.27 11.67 1.16
C TYR A 79 -1.27 11.67 1.16
C TYR A 79 -1.16 11.78 1.34
C TYR A 79 -1.16 11.78 1.34
N GLY A 80 -0.16 10.97 0.92
N GLY A 80 -0.16 10.97 0.92
N GLY A 80 -0.02 11.12 1.11
N GLY A 80 -0.02 11.12 1.11
CA GLY A 80 0.98 11.43 0.08
CA GLY A 80 0.98 11.43 0.08
CA GLY A 80 1.12 11.66 0.33
CA GLY A 80 1.12 11.66 0.33
C GLY A 80 0.56 11.80 -1.34
C GLY A 80 0.56 11.80 -1.34
C GLY A 80 0.69 12.13 -1.05
C GLY A 80 0.69 12.13 -1.05
N ASP A 81 -0.60 11.31 -1.80
N ASP A 81 -0.60 11.31 -1.80
N ASP A 81 -0.35 11.52 -1.64
N ASP A 81 -0.35 11.52 -1.64
CA ASP A 81 -1.13 11.63 -3.16
CA ASP A 81 -1.13 11.63 -3.16
CA ASP A 81 -0.84 11.78 -3.03
CA ASP A 81 -0.84 11.78 -3.03
C ASP A 81 -2.02 12.88 -3.09
C ASP A 81 -2.02 12.88 -3.09
C ASP A 81 -1.78 12.99 -3.09
C ASP A 81 -1.78 12.99 -3.09
N GLY A 82 -2.14 13.56 -1.94
CA GLY A 82 -2.98 14.76 -1.84
C GLY A 82 -4.43 14.48 -1.51
N SER A 83 -4.83 13.21 -1.44
N SER A 83 -4.83 13.21 -1.44
N SER A 83 -4.82 13.21 -1.43
N SER A 83 -4.82 13.21 -1.43
CA SER A 83 -6.22 12.82 -1.09
CA SER A 83 -6.22 12.82 -1.09
CA SER A 83 -6.22 12.82 -1.09
CA SER A 83 -6.22 12.82 -1.09
C SER A 83 -6.41 12.92 0.43
C SER A 83 -6.41 12.92 0.43
C SER A 83 -6.41 12.92 0.43
C SER A 83 -6.41 12.92 0.43
N SER A 84 -7.66 12.98 0.87
CA SER A 84 -7.99 13.18 2.29
C SER A 84 -9.37 12.66 2.61
N SER A 85 -9.60 12.48 3.90
CA SER A 85 -10.92 12.08 4.44
C SER A 85 -10.94 12.43 5.92
N SER A 86 -12.15 12.55 6.45
CA SER A 86 -12.31 12.91 7.88
C SER A 86 -13.69 12.49 8.34
N GLY A 87 -13.85 12.36 9.65
CA GLY A 87 -15.18 12.09 10.20
C GLY A 87 -15.16 11.83 11.68
N ASP A 88 -16.05 10.95 12.09
CA ASP A 88 -16.16 10.54 13.52
C ASP A 88 -15.86 9.05 13.64
N VAL A 89 -16.10 8.45 14.79
CA VAL A 89 -15.54 7.13 15.09
C VAL A 89 -16.55 6.31 15.85
N TYR A 90 -16.67 5.06 15.44
CA TYR A 90 -17.41 4.00 16.15
C TYR A 90 -16.44 2.94 16.56
N THR A 91 -16.76 2.17 17.55
CA THR A 91 -16.12 0.87 17.76
C THR A 91 -17.08 -0.19 17.29
N ASP A 92 -16.57 -1.25 16.71
CA ASP A 92 -17.45 -2.35 16.22
C ASP A 92 -16.60 -3.58 16.04
N THR A 93 -17.25 -4.69 15.75
CA THR A 93 -16.59 -5.96 15.47
C THR A 93 -16.13 -5.96 14.04
N VAL A 94 -14.86 -6.27 13.81
CA VAL A 94 -14.28 -6.25 12.45
C VAL A 94 -13.61 -7.61 12.24
N SER A 95 -13.94 -8.28 11.14
CA SER A 95 -13.34 -9.59 10.80
C SER A 95 -12.68 -9.49 9.44
N VAL A 96 -11.52 -10.07 9.33
CA VAL A 96 -10.76 -10.19 8.06
C VAL A 96 -10.44 -11.65 7.88
N GLY A 97 -11.00 -12.29 6.88
CA GLY A 97 -10.56 -13.65 6.54
C GLY A 97 -10.74 -14.59 7.70
N GLY A 98 -11.78 -14.44 8.52
CA GLY A 98 -11.98 -15.38 9.66
C GLY A 98 -11.42 -14.88 10.98
N LEU A 99 -10.58 -13.87 10.98
CA LEU A 99 -9.97 -13.32 12.21
C LEU A 99 -10.77 -12.14 12.70
N THR A 100 -11.26 -12.18 13.93
CA THR A 100 -12.22 -11.20 14.46
C THR A 100 -11.58 -10.38 15.55
N VAL A 101 -11.73 -9.06 15.46
CA VAL A 101 -11.38 -8.11 16.55
C VAL A 101 -12.65 -7.44 17.03
N THR A 102 -12.91 -7.52 18.32
CA THR A 102 -14.02 -6.74 18.91
C THR A 102 -13.49 -5.38 19.38
N GLY A 103 -14.33 -4.38 19.33
CA GLY A 103 -13.95 -3.04 19.80
C GLY A 103 -12.96 -2.35 18.89
N GLN A 104 -12.90 -2.73 17.64
CA GLN A 104 -12.05 -2.03 16.66
C GLN A 104 -12.58 -0.62 16.38
N ALA A 105 -11.71 0.38 16.37
CA ALA A 105 -12.07 1.74 15.92
C ALA A 105 -12.35 1.68 14.40
N VAL A 106 -13.57 1.98 14.04
CA VAL A 106 -14.05 2.09 12.63
C VAL A 106 -14.31 3.57 12.42
N GLU A 107 -13.49 4.20 11.62
CA GLU A 107 -13.53 5.65 11.42
C GLU A 107 -14.50 5.94 10.30
N SER A 108 -15.62 6.57 10.62
CA SER A 108 -16.73 6.79 9.67
C SER A 108 -16.50 8.08 8.94
N ALA A 109 -16.42 8.06 7.60
CA ALA A 109 -16.12 9.30 6.86
C ALA A 109 -17.37 10.19 6.81
N LYS A 110 -17.19 11.46 7.20
CA LYS A 110 -18.18 12.50 6.88
C LYS A 110 -17.79 13.17 5.58
N LYS A 111 -16.51 13.26 5.27
CA LYS A 111 -15.99 13.96 4.08
C LYS A 111 -14.93 13.07 3.47
N VAL A 112 -14.91 13.00 2.14
CA VAL A 112 -13.79 12.36 1.41
C VAL A 112 -13.41 13.28 0.25
N SER A 113 -12.16 13.22 -0.14
CA SER A 113 -11.69 14.04 -1.29
C SER A 113 -12.15 13.38 -2.57
N SER A 114 -12.05 14.14 -3.64
CA SER A 114 -12.57 13.74 -4.97
C SER A 114 -12.01 12.40 -5.46
N SER A 115 -10.72 12.12 -5.23
N SER A 115 -10.72 12.12 -5.23
N SER A 115 -10.73 12.10 -5.21
N SER A 115 -10.73 12.10 -5.21
CA SER A 115 -10.10 10.86 -5.72
CA SER A 115 -10.10 10.86 -5.72
CA SER A 115 -10.07 10.88 -5.73
CA SER A 115 -10.07 10.88 -5.73
C SER A 115 -10.83 9.65 -5.12
C SER A 115 -10.83 9.65 -5.12
C SER A 115 -10.70 9.63 -5.09
C SER A 115 -10.70 9.63 -5.09
N PHE A 116 -11.23 9.73 -3.85
N PHE A 116 -11.23 9.73 -3.85
N PHE A 116 -11.23 9.74 -3.87
N PHE A 116 -11.23 9.74 -3.87
CA PHE A 116 -11.97 8.64 -3.17
CA PHE A 116 -11.97 8.64 -3.17
CA PHE A 116 -11.95 8.62 -3.20
CA PHE A 116 -11.95 8.62 -3.20
C PHE A 116 -13.35 8.50 -3.83
C PHE A 116 -13.35 8.50 -3.83
C PHE A 116 -13.35 8.50 -3.81
C PHE A 116 -13.35 8.50 -3.81
N THR A 117 -14.08 9.61 -3.99
CA THR A 117 -15.43 9.58 -4.58
C THR A 117 -15.37 8.93 -5.96
N GLU A 118 -14.33 9.29 -6.70
CA GLU A 118 -14.18 8.90 -8.12
C GLU A 118 -13.80 7.46 -8.29
N ASP A 119 -13.40 6.79 -7.20
N ASP A 119 -13.40 6.79 -7.20
N ASP A 119 -13.38 6.79 -7.21
N ASP A 119 -13.38 6.79 -7.21
CA ASP A 119 -13.00 5.36 -7.24
CA ASP A 119 -13.00 5.36 -7.24
CA ASP A 119 -13.01 5.36 -7.25
CA ASP A 119 -13.01 5.36 -7.25
C ASP A 119 -14.10 4.51 -6.58
C ASP A 119 -14.10 4.51 -6.58
C ASP A 119 -14.11 4.54 -6.58
C ASP A 119 -14.11 4.54 -6.58
N SER A 120 -15.03 4.00 -7.38
CA SER A 120 -16.22 3.26 -6.88
C SER A 120 -15.80 1.96 -6.24
N THR A 121 -14.59 1.49 -6.49
CA THR A 121 -14.20 0.11 -6.07
C THR A 121 -13.61 0.05 -4.67
N ILE A 122 -13.26 1.20 -4.09
N ILE A 122 -13.26 1.20 -4.09
N ILE A 122 -13.22 1.19 -4.10
N ILE A 122 -13.22 1.19 -4.10
CA ILE A 122 -12.62 1.23 -2.75
CA ILE A 122 -12.62 1.23 -2.75
CA ILE A 122 -12.58 1.24 -2.75
CA ILE A 122 -12.58 1.24 -2.75
C ILE A 122 -13.60 1.85 -1.76
C ILE A 122 -13.60 1.85 -1.76
C ILE A 122 -13.59 1.84 -1.77
C ILE A 122 -13.59 1.84 -1.77
N ASP A 123 -14.00 1.04 -0.77
CA ASP A 123 -15.02 1.44 0.22
C ASP A 123 -14.33 2.02 1.46
N GLY A 124 -13.03 2.10 1.46
CA GLY A 124 -12.30 2.64 2.61
C GLY A 124 -10.93 2.03 2.68
N LEU A 125 -10.19 2.37 3.73
N LEU A 125 -10.19 2.37 3.73
N LEU A 125 -10.18 2.36 3.74
N LEU A 125 -10.18 2.36 3.74
CA LEU A 125 -8.79 1.90 3.93
CA LEU A 125 -8.79 1.90 3.93
CA LEU A 125 -8.79 1.93 3.96
CA LEU A 125 -8.79 1.93 3.96
C LEU A 125 -8.70 1.15 5.25
C LEU A 125 -8.70 1.15 5.25
C LEU A 125 -8.72 1.14 5.26
C LEU A 125 -8.72 1.14 5.26
N LEU A 126 -7.82 0.16 5.30
CA LEU A 126 -7.49 -0.52 6.55
C LEU A 126 -6.01 -0.37 6.75
N GLY A 127 -5.64 0.52 7.67
CA GLY A 127 -4.22 0.86 7.89
C GLY A 127 -3.49 -0.21 8.66
N LEU A 128 -2.25 -0.51 8.23
CA LEU A 128 -1.43 -1.57 8.82
C LEU A 128 -0.01 -1.07 9.12
N ALA A 129 0.19 0.25 9.11
CA ALA A 129 1.42 0.85 9.66
C ALA A 129 1.27 0.85 11.19
N PHE A 130 2.20 1.51 11.88
CA PHE A 130 2.22 1.46 13.35
C PHE A 130 1.17 2.41 13.88
N SER A 131 0.60 2.05 15.02
CA SER A 131 -0.55 2.81 15.57
C SER A 131 -0.19 4.23 16.00
N THR A 132 1.10 4.51 16.15
CA THR A 132 1.56 5.87 16.42
C THR A 132 1.14 6.84 15.32
N LEU A 133 0.82 6.40 14.08
CA LEU A 133 0.33 7.32 13.01
C LEU A 133 -1.19 7.48 13.01
N ASN A 134 -1.92 6.77 13.85
CA ASN A 134 -3.39 6.82 13.80
C ASN A 134 -3.85 8.25 14.09
N THR A 135 -4.80 8.77 13.34
CA THR A 135 -5.16 10.21 13.45
C THR A 135 -6.30 10.47 14.43
N VAL A 136 -6.84 9.47 15.09
CA VAL A 136 -8.01 9.73 15.95
C VAL A 136 -7.59 10.62 17.11
N SER A 137 -8.43 11.62 17.33
CA SER A 137 -8.26 12.60 18.42
C SER A 137 -9.55 12.64 19.22
N PRO A 138 -9.47 12.84 20.57
CA PRO A 138 -8.26 13.05 21.35
C PRO A 138 -7.56 11.79 21.86
N THR A 139 -8.14 10.64 21.54
CA THR A 139 -7.63 9.36 22.02
C THR A 139 -7.20 8.55 20.80
N GLN A 140 -5.91 8.43 20.58
CA GLN A 140 -5.39 7.69 19.41
C GLN A 140 -5.85 6.24 19.53
N GLN A 141 -6.21 5.66 18.39
CA GLN A 141 -6.71 4.27 18.31
C GLN A 141 -5.68 3.33 17.68
N LYS A 142 -5.88 2.05 17.96
CA LYS A 142 -4.99 0.98 17.47
C LYS A 142 -5.46 0.46 16.11
N THR A 143 -4.48 0.03 15.31
CA THR A 143 -4.80 -0.67 14.04
C THR A 143 -5.44 -2.02 14.36
N PHE A 144 -6.06 -2.58 13.32
CA PHE A 144 -6.65 -3.93 13.35
C PHE A 144 -5.55 -4.93 13.72
N PHE A 145 -4.35 -4.82 13.14
CA PHE A 145 -3.23 -5.75 13.45
C PHE A 145 -2.82 -5.59 14.90
N ASP A 146 -2.71 -4.38 15.38
CA ASP A 146 -2.26 -4.14 16.76
C ASP A 146 -3.30 -4.76 17.70
N ASN A 147 -4.59 -4.58 17.45
CA ASN A 147 -5.65 -5.17 18.28
C ASN A 147 -5.64 -6.69 18.21
N ALA A 148 -5.36 -7.28 17.06
CA ALA A 148 -5.37 -8.74 16.88
C ALA A 148 -4.13 -9.44 17.44
N LYS A 149 -2.99 -8.75 17.53
N LYS A 149 -3.02 -8.72 17.51
N LYS A 149 -2.99 -8.75 17.53
N LYS A 149 -3.02 -8.72 17.51
CA LYS A 149 -1.66 -9.43 17.51
CA LYS A 149 -1.64 -9.26 17.64
CA LYS A 149 -1.66 -9.43 17.51
CA LYS A 149 -1.64 -9.26 17.64
C LYS A 149 -1.46 -10.32 18.76
C LYS A 149 -1.57 -10.33 18.72
C LYS A 149 -1.46 -10.32 18.76
C LYS A 149 -1.57 -10.33 18.72
N ALA A 150 -2.02 -9.98 19.93
CA ALA A 150 -1.86 -10.83 21.12
C ALA A 150 -2.59 -12.15 20.88
N SER A 151 -3.69 -12.18 20.13
CA SER A 151 -4.54 -13.37 19.85
C SER A 151 -3.94 -14.23 18.73
N LEU A 152 -3.08 -13.67 17.91
CA LEU A 152 -2.58 -14.41 16.73
C LEU A 152 -1.60 -15.52 17.12
N ASP A 153 -1.55 -16.56 16.32
CA ASP A 153 -0.61 -17.67 16.58
C ASP A 153 0.83 -17.16 16.59
N SER A 154 1.13 -16.20 15.72
N SER A 154 1.14 -16.26 15.66
N SER A 154 1.13 -16.20 15.72
N SER A 154 1.14 -16.26 15.66
CA SER A 154 2.44 -15.53 15.58
CA SER A 154 2.44 -15.52 15.56
CA SER A 154 2.44 -15.53 15.58
CA SER A 154 2.44 -15.52 15.56
C SER A 154 2.12 -14.07 15.28
C SER A 154 2.14 -14.06 15.24
C SER A 154 2.12 -14.07 15.28
C SER A 154 2.14 -14.06 15.24
N PRO A 155 2.88 -13.09 15.81
CA PRO A 155 2.51 -11.68 15.68
C PRO A 155 2.97 -11.08 14.35
N VAL A 156 2.36 -11.59 13.27
CA VAL A 156 2.82 -11.28 11.89
C VAL A 156 1.60 -11.17 10.99
N PHE A 157 1.75 -10.39 9.93
CA PHE A 157 0.87 -10.56 8.76
C PHE A 157 1.77 -10.59 7.53
N THR A 158 1.20 -11.13 6.45
CA THR A 158 1.95 -11.27 5.21
C THR A 158 1.12 -10.72 4.05
N ALA A 159 1.84 -10.08 3.13
CA ALA A 159 1.28 -9.55 1.89
C ALA A 159 1.84 -10.36 0.76
N ASP A 160 0.97 -10.90 -0.06
CA ASP A 160 1.27 -11.70 -1.25
C ASP A 160 0.43 -11.11 -2.38
N LEU A 161 0.87 -9.99 -2.94
CA LEU A 161 0.08 -9.29 -3.96
C LEU A 161 0.33 -9.96 -5.30
N GLY A 162 -0.70 -10.05 -6.11
CA GLY A 162 -0.62 -10.64 -7.44
C GLY A 162 -0.32 -9.61 -8.52
N TYR A 163 0.36 -10.04 -9.56
CA TYR A 163 0.49 -9.24 -10.80
C TYR A 163 -0.70 -9.57 -11.69
N HIS A 164 -1.56 -8.61 -11.89
CA HIS A 164 -2.74 -8.76 -12.74
C HIS A 164 -3.54 -9.99 -12.29
N ALA A 165 -3.62 -10.24 -10.99
CA ALA A 165 -4.22 -11.46 -10.44
C ALA A 165 -4.45 -11.24 -8.96
N PRO A 166 -5.39 -11.99 -8.37
CA PRO A 166 -5.60 -11.93 -6.93
C PRO A 166 -4.38 -12.47 -6.19
N GLY A 167 -4.30 -12.06 -4.94
CA GLY A 167 -3.30 -12.48 -3.97
C GLY A 167 -3.92 -12.65 -2.63
N THR A 168 -3.11 -12.59 -1.59
CA THR A 168 -3.55 -12.97 -0.25
C THR A 168 -2.91 -12.07 0.82
N TYR A 169 -3.71 -11.70 1.81
CA TYR A 169 -3.22 -11.21 3.11
C TYR A 169 -3.50 -12.30 4.14
N ASN A 170 -2.45 -12.72 4.82
CA ASN A 170 -2.56 -13.65 5.96
C ASN A 170 -2.19 -12.95 7.26
N PHE A 171 -2.92 -13.30 8.31
CA PHE A 171 -2.66 -12.79 9.66
C PHE A 171 -2.36 -13.97 10.58
N GLY A 172 -1.24 -13.91 11.29
CA GLY A 172 -0.91 -14.85 12.36
C GLY A 172 -0.15 -16.04 11.92
N PHE A 173 0.20 -16.22 10.64
CA PHE A 173 0.97 -17.38 10.21
C PHE A 173 1.66 -17.07 8.89
N ILE A 174 2.71 -17.82 8.59
N ILE A 174 2.74 -17.81 8.65
N ILE A 174 2.71 -17.82 8.59
N ILE A 174 2.74 -17.81 8.65
CA ILE A 174 3.50 -17.70 7.34
CA ILE A 174 3.53 -17.85 7.39
CA ILE A 174 3.50 -17.70 7.34
CA ILE A 174 3.53 -17.85 7.39
C ILE A 174 3.26 -18.97 6.53
C ILE A 174 3.09 -19.07 6.60
C ILE A 174 3.26 -18.97 6.53
C ILE A 174 3.09 -19.07 6.60
N ASP A 175 2.57 -18.84 5.39
CA ASP A 175 2.24 -19.93 4.50
C ASP A 175 3.52 -20.32 3.78
N THR A 176 4.15 -21.41 4.22
CA THR A 176 5.45 -21.82 3.65
C THR A 176 5.25 -22.33 2.22
N THR A 177 4.04 -22.53 1.72
CA THR A 177 3.79 -22.96 0.32
C THR A 177 3.74 -21.76 -0.63
N ALA A 178 3.71 -20.54 -0.10
CA ALA A 178 3.38 -19.34 -0.92
C ALA A 178 4.65 -18.70 -1.49
N TYR A 179 5.86 -19.19 -1.19
CA TYR A 179 7.08 -18.52 -1.66
C TYR A 179 8.12 -19.59 -1.98
N THR A 180 9.14 -19.19 -2.71
CA THR A 180 10.26 -20.07 -3.10
C THR A 180 11.43 -19.68 -2.24
N GLY A 181 12.35 -20.63 -2.11
CA GLY A 181 13.59 -20.35 -1.35
C GLY A 181 13.27 -19.99 0.08
N SER A 182 14.08 -19.11 0.66
N SER A 182 14.08 -19.10 0.65
N SER A 182 14.08 -19.11 0.66
N SER A 182 14.08 -19.10 0.65
CA SER A 182 13.95 -18.69 2.07
CA SER A 182 14.00 -18.68 2.07
CA SER A 182 13.95 -18.69 2.07
CA SER A 182 14.00 -18.68 2.07
C SER A 182 13.50 -17.24 2.16
C SER A 182 13.52 -17.23 2.16
C SER A 182 13.50 -17.24 2.16
C SER A 182 13.52 -17.23 2.16
N ILE A 183 13.02 -16.85 3.34
CA ILE A 183 12.61 -15.48 3.63
C ILE A 183 13.86 -14.81 4.21
N THR A 184 14.28 -13.70 3.62
CA THR A 184 15.34 -12.86 4.21
C THR A 184 14.74 -11.76 5.04
N TYR A 185 15.09 -11.68 6.29
CA TYR A 185 14.60 -10.67 7.23
C TYR A 185 15.57 -9.52 7.28
N THR A 186 15.03 -8.36 7.46
CA THR A 186 15.80 -7.08 7.49
C THR A 186 15.22 -6.17 8.54
N ALA A 187 16.08 -5.33 9.11
CA ALA A 187 15.71 -4.45 10.23
C ALA A 187 14.71 -3.40 9.82
N VAL A 188 13.87 -3.02 10.74
CA VAL A 188 12.82 -1.98 10.59
C VAL A 188 13.08 -0.86 11.59
N SER A 189 12.96 0.38 11.15
CA SER A 189 12.82 1.53 12.04
C SER A 189 11.34 1.89 12.13
N THR A 190 10.81 2.02 13.34
CA THR A 190 9.43 2.50 13.55
C THR A 190 9.39 4.00 13.86
N LYS A 191 10.51 4.71 13.79
CA LYS A 191 10.63 6.11 14.26
C LYS A 191 9.69 7.04 13.49
N GLN A 192 9.36 6.76 12.23
CA GLN A 192 8.38 7.58 11.47
C GLN A 192 7.00 6.89 11.41
N GLY A 193 6.79 5.80 12.12
CA GLY A 193 5.50 5.10 12.15
C GLY A 193 5.33 4.12 10.98
N PHE A 194 6.32 3.96 10.13
CA PHE A 194 6.21 3.14 8.90
C PHE A 194 6.99 1.86 9.07
N TRP A 195 6.77 0.90 8.16
CA TRP A 195 7.59 -0.29 7.97
C TRP A 195 8.80 0.16 7.15
N GLU A 196 9.73 0.86 7.81
CA GLU A 196 10.87 1.53 7.15
C GLU A 196 12.08 0.64 7.27
N TRP A 197 12.76 0.40 6.16
CA TRP A 197 13.88 -0.54 6.08
C TRP A 197 14.91 0.03 5.13
N THR A 198 16.03 -0.66 4.97
CA THR A 198 17.11 -0.21 4.07
C THR A 198 17.45 -1.31 3.09
N SER A 199 17.12 -1.07 1.83
CA SER A 199 17.55 -1.97 0.76
C SER A 199 19.05 -1.85 0.56
N THR A 200 19.66 -2.93 0.16
CA THR A 200 21.11 -3.03 -0.02
C THR A 200 21.52 -2.66 -1.43
N GLY A 201 20.59 -2.39 -2.36
CA GLY A 201 21.04 -1.88 -3.66
C GLY A 201 20.12 -2.33 -4.78
N TYR A 202 20.58 -2.21 -6.00
CA TYR A 202 19.68 -2.47 -7.13
C TYR A 202 20.48 -2.92 -8.33
N ALA A 203 19.75 -3.47 -9.29
CA ALA A 203 20.28 -3.73 -10.63
C ALA A 203 19.20 -3.40 -11.64
N VAL A 204 19.59 -3.01 -12.83
CA VAL A 204 18.67 -2.74 -13.96
C VAL A 204 18.86 -3.86 -14.98
N GLY A 205 17.81 -4.57 -15.29
CA GLY A 205 17.88 -5.70 -16.23
C GLY A 205 18.97 -6.67 -15.84
N SER A 206 19.80 -7.06 -16.81
N SER A 206 19.79 -7.07 -16.81
N SER A 206 19.80 -7.06 -16.81
N SER A 206 19.79 -7.07 -16.81
CA SER A 206 20.90 -8.03 -16.61
CA SER A 206 20.92 -8.03 -16.63
CA SER A 206 20.90 -8.03 -16.61
CA SER A 206 20.92 -8.03 -16.63
C SER A 206 22.16 -7.30 -16.13
C SER A 206 22.18 -7.29 -16.17
C SER A 206 22.16 -7.30 -16.13
C SER A 206 22.18 -7.29 -16.17
N GLY A 207 22.07 -6.02 -15.79
CA GLY A 207 23.19 -5.20 -15.35
C GLY A 207 23.77 -5.67 -14.01
N THR A 208 24.95 -5.17 -13.70
CA THR A 208 25.62 -5.53 -12.43
C THR A 208 24.89 -4.83 -11.28
N PHE A 209 24.86 -5.51 -10.16
CA PHE A 209 24.21 -5.01 -8.95
C PHE A 209 25.05 -3.90 -8.36
N LYS A 210 24.43 -2.78 -8.05
CA LYS A 210 25.03 -1.63 -7.37
C LYS A 210 24.72 -1.74 -5.89
N SER A 211 25.75 -1.88 -5.07
CA SER A 211 25.60 -1.92 -3.61
C SER A 211 25.46 -0.50 -3.09
N THR A 212 24.30 -0.15 -2.56
CA THR A 212 24.02 1.18 -2.06
C THR A 212 22.84 1.08 -1.12
N SER A 213 22.88 1.78 -0.01
CA SER A 213 21.78 1.77 0.99
C SER A 213 20.65 2.65 0.52
N ILE A 214 19.46 2.10 0.43
CA ILE A 214 18.24 2.86 0.02
C ILE A 214 17.22 2.68 1.13
N ASP A 215 17.08 3.70 1.98
N ASP A 215 17.07 3.71 1.95
N ASP A 215 17.08 3.70 1.98
N ASP A 215 17.07 3.71 1.95
CA ASP A 215 16.07 3.74 3.06
CA ASP A 215 16.07 3.71 3.05
CA ASP A 215 16.07 3.74 3.06
CA ASP A 215 16.07 3.71 3.05
C ASP A 215 14.69 3.94 2.43
C ASP A 215 14.68 3.96 2.46
C ASP A 215 14.69 3.94 2.43
C ASP A 215 14.68 3.96 2.46
N GLY A 216 13.69 3.14 2.80
CA GLY A 216 12.35 3.36 2.28
C GLY A 216 11.33 2.58 3.05
N ILE A 217 10.08 2.72 2.65
CA ILE A 217 8.97 2.10 3.40
C ILE A 217 8.31 1.03 2.54
N ALA A 218 7.87 -0.04 3.18
CA ALA A 218 7.08 -1.08 2.49
C ALA A 218 5.65 -0.61 2.61
N ASP A 219 5.04 -0.21 1.50
N ASP A 219 5.04 -0.21 1.50
N ASP A 219 5.06 -0.20 1.48
N ASP A 219 5.06 -0.20 1.48
CA ASP A 219 3.73 0.49 1.52
CA ASP A 219 3.73 0.49 1.52
CA ASP A 219 3.75 0.48 1.45
CA ASP A 219 3.75 0.48 1.45
C ASP A 219 2.78 -0.13 0.49
C ASP A 219 2.78 -0.13 0.49
C ASP A 219 2.82 -0.20 0.45
C ASP A 219 2.82 -0.20 0.45
N THR A 220 1.94 -1.05 0.95
CA THR A 220 0.93 -1.68 0.08
C THR A 220 -0.09 -0.68 -0.46
N GLY A 221 -0.21 0.51 0.15
N GLY A 221 -0.21 0.51 0.15
N GLY A 221 -0.24 0.49 0.16
N GLY A 221 -0.24 0.49 0.16
CA GLY A 221 -1.21 1.52 -0.24
CA GLY A 221 -1.21 1.52 -0.24
CA GLY A 221 -1.19 1.53 -0.29
CA GLY A 221 -1.19 1.53 -0.29
C GLY A 221 -0.70 2.48 -1.30
C GLY A 221 -0.70 2.48 -1.30
C GLY A 221 -0.62 2.47 -1.32
C GLY A 221 -0.62 2.47 -1.32
N THR A 222 0.53 2.30 -1.76
N THR A 222 0.53 2.30 -1.76
N THR A 222 0.63 2.27 -1.74
N THR A 222 0.63 2.27 -1.74
CA THR A 222 1.11 3.10 -2.87
CA THR A 222 1.11 3.10 -2.87
CA THR A 222 1.24 3.04 -2.85
CA THR A 222 1.24 3.04 -2.85
C THR A 222 1.31 2.17 -4.06
C THR A 222 1.31 2.17 -4.06
C THR A 222 1.32 2.14 -4.07
C THR A 222 1.32 2.14 -4.07
N THR A 223 0.86 2.62 -5.23
CA THR A 223 0.89 1.79 -6.44
C THR A 223 2.31 1.50 -6.90
N LEU A 224 3.09 2.56 -7.01
CA LEU A 224 4.38 2.52 -7.75
C LEU A 224 5.57 2.41 -6.82
N LEU A 225 6.73 2.26 -7.43
CA LEU A 225 8.04 2.17 -6.74
C LEU A 225 8.70 3.53 -6.89
N TYR A 226 8.88 4.24 -5.78
N TYR A 226 8.88 4.24 -5.78
N TYR A 226 8.86 4.24 -5.78
N TYR A 226 8.86 4.24 -5.78
CA TYR A 226 9.49 5.59 -5.76
CA TYR A 226 9.49 5.59 -5.76
CA TYR A 226 9.47 5.59 -5.74
CA TYR A 226 9.47 5.59 -5.74
C TYR A 226 10.87 5.52 -5.14
C TYR A 226 10.87 5.52 -5.14
C TYR A 226 10.87 5.51 -5.14
C TYR A 226 10.87 5.51 -5.14
N LEU A 227 11.89 5.86 -5.92
CA LEU A 227 13.29 5.67 -5.53
C LEU A 227 14.07 6.93 -5.87
N PRO A 228 15.31 7.05 -5.37
CA PRO A 228 16.06 8.27 -5.62
C PRO A 228 16.24 8.52 -7.12
N ALA A 229 16.34 9.79 -7.46
CA ALA A 229 16.41 10.20 -8.87
C ALA A 229 17.60 9.56 -9.60
N THR A 230 18.70 9.31 -8.93
CA THR A 230 19.88 8.65 -9.56
C THR A 230 19.48 7.26 -10.03
N VAL A 231 18.80 6.52 -9.16
CA VAL A 231 18.42 5.12 -9.44
C VAL A 231 17.41 5.11 -10.58
N VAL A 232 16.41 5.99 -10.49
CA VAL A 232 15.33 6.02 -11.49
C VAL A 232 15.89 6.40 -12.85
N SER A 233 16.82 7.37 -12.91
CA SER A 233 17.45 7.78 -14.18
C SER A 233 18.19 6.60 -14.77
N ALA A 234 18.96 5.86 -13.95
CA ALA A 234 19.70 4.66 -14.42
C ALA A 234 18.75 3.63 -15.02
N TYR A 235 17.58 3.45 -14.42
CA TYR A 235 16.60 2.50 -14.98
C TYR A 235 16.11 2.97 -16.33
N TRP A 236 15.58 4.19 -16.42
CA TRP A 236 14.88 4.61 -17.63
C TRP A 236 15.86 4.90 -18.76
N ALA A 237 17.13 5.11 -18.45
CA ALA A 237 18.17 5.26 -19.50
C ALA A 237 18.25 3.98 -20.32
N GLN A 238 17.80 2.84 -19.79
CA GLN A 238 17.87 1.56 -20.53
C GLN A 238 16.66 1.37 -21.44
N VAL A 239 15.74 2.33 -21.51
CA VAL A 239 14.52 2.20 -22.31
C VAL A 239 14.56 3.30 -23.37
N SER A 240 14.69 2.89 -24.64
N SER A 240 14.71 2.90 -24.63
N SER A 240 14.69 2.89 -24.64
N SER A 240 14.71 2.90 -24.63
CA SER A 240 14.74 3.83 -25.78
CA SER A 240 14.80 3.86 -25.76
CA SER A 240 14.74 3.83 -25.78
CA SER A 240 14.80 3.86 -25.76
C SER A 240 13.52 4.74 -25.77
C SER A 240 13.55 4.72 -25.78
C SER A 240 13.52 4.74 -25.77
C SER A 240 13.55 4.72 -25.78
N GLY A 241 13.75 6.05 -25.78
CA GLY A 241 12.69 7.03 -25.87
C GLY A 241 12.01 7.33 -24.54
N ALA A 242 12.48 6.76 -23.42
CA ALA A 242 11.90 7.11 -22.11
C ALA A 242 12.38 8.51 -21.70
N LYS A 243 11.53 9.25 -21.03
CA LYS A 243 11.87 10.61 -20.62
C LYS A 243 11.05 10.94 -19.40
N SER A 244 11.56 11.87 -18.60
CA SER A 244 10.74 12.46 -17.53
C SER A 244 9.92 13.61 -18.12
N SER A 245 8.62 13.56 -17.97
CA SER A 245 7.68 14.58 -18.46
C SER A 245 7.11 15.33 -17.27
N SER A 246 7.43 16.63 -17.16
N SER A 246 7.44 16.62 -17.17
N SER A 246 7.43 16.63 -17.16
N SER A 246 7.44 16.62 -17.17
CA SER A 246 6.84 17.53 -16.14
CA SER A 246 6.85 17.57 -16.18
CA SER A 246 6.84 17.53 -16.14
CA SER A 246 6.85 17.57 -16.18
C SER A 246 5.31 17.65 -16.38
C SER A 246 5.34 17.64 -16.38
C SER A 246 5.31 17.65 -16.38
C SER A 246 5.34 17.64 -16.38
N SER A 247 4.88 17.68 -17.64
CA SER A 247 3.44 17.83 -17.98
C SER A 247 2.66 16.59 -17.52
N VAL A 248 3.23 15.40 -17.68
CA VAL A 248 2.53 14.17 -17.25
C VAL A 248 2.75 13.91 -15.75
N GLY A 249 3.91 14.27 -15.20
CA GLY A 249 4.23 14.13 -13.77
C GLY A 249 5.07 12.89 -13.50
N GLY A 250 5.95 12.54 -14.41
CA GLY A 250 6.93 11.48 -14.20
C GLY A 250 7.45 10.92 -15.48
N TYR A 251 8.17 9.85 -15.36
CA TYR A 251 8.77 9.12 -16.49
C TYR A 251 7.68 8.43 -17.29
N VAL A 252 7.78 8.62 -18.59
CA VAL A 252 6.92 7.99 -19.62
C VAL A 252 7.85 7.29 -20.56
N PHE A 253 7.29 6.37 -21.33
CA PHE A 253 8.09 5.56 -22.25
C PHE A 253 7.19 5.13 -23.40
N PRO A 254 7.80 4.80 -24.54
CA PRO A 254 6.98 4.36 -25.67
C PRO A 254 6.26 3.09 -25.30
N CYS A 255 4.97 3.03 -25.59
CA CYS A 255 4.19 1.83 -25.25
C CYS A 255 4.68 0.62 -26.06
N SER A 256 5.40 0.86 -27.14
CA SER A 256 6.01 -0.22 -27.96
C SER A 256 7.22 -0.84 -27.29
N ALA A 257 7.71 -0.32 -26.18
CA ALA A 257 8.95 -0.82 -25.53
C ALA A 257 8.70 -2.11 -24.79
N THR A 258 9.76 -2.91 -24.70
CA THR A 258 9.87 -4.04 -23.79
C THR A 258 10.73 -3.55 -22.65
N LEU A 259 10.19 -3.52 -21.43
CA LEU A 259 10.95 -2.94 -20.28
C LEU A 259 11.88 -3.97 -19.69
N PRO A 260 13.02 -3.50 -19.18
CA PRO A 260 13.92 -4.34 -18.41
C PRO A 260 13.38 -4.55 -17.01
N SER A 261 13.83 -5.63 -16.42
CA SER A 261 13.53 -5.93 -15.02
C SER A 261 14.25 -4.92 -14.11
N PHE A 262 13.84 -4.87 -12.85
CA PHE A 262 14.51 -4.11 -11.81
C PHE A 262 14.68 -5.01 -10.62
N THR A 263 15.91 -5.10 -10.13
CA THR A 263 16.21 -5.92 -8.94
C THR A 263 16.52 -5.03 -7.75
N PHE A 264 15.97 -5.34 -6.59
CA PHE A 264 16.36 -4.62 -5.35
C PHE A 264 16.90 -5.62 -4.33
N GLY A 265 17.85 -5.16 -3.53
CA GLY A 265 18.49 -5.99 -2.51
C GLY A 265 17.73 -5.99 -1.21
N VAL A 266 17.70 -7.17 -0.59
CA VAL A 266 17.23 -7.36 0.80
C VAL A 266 18.36 -8.13 1.46
N GLY A 267 19.15 -7.42 2.24
CA GLY A 267 20.38 -8.07 2.72
C GLY A 267 21.15 -8.62 1.53
N SER A 268 21.63 -9.85 1.63
N SER A 268 21.59 -9.87 1.64
N SER A 268 21.63 -9.85 1.63
N SER A 268 21.59 -9.87 1.64
CA SER A 268 22.37 -10.52 0.53
CA SER A 268 22.34 -10.60 0.60
CA SER A 268 22.37 -10.52 0.53
CA SER A 268 22.34 -10.60 0.60
C SER A 268 21.42 -11.11 -0.51
C SER A 268 21.41 -11.12 -0.51
C SER A 268 21.42 -11.11 -0.51
C SER A 268 21.41 -11.12 -0.51
N ALA A 269 20.09 -11.02 -0.30
CA ALA A 269 19.12 -11.57 -1.24
C ALA A 269 18.70 -10.52 -2.26
N ARG A 270 18.01 -11.01 -3.28
CA ARG A 270 17.60 -10.14 -4.40
C ARG A 270 16.16 -10.48 -4.77
N ILE A 271 15.38 -9.43 -4.96
CA ILE A 271 13.99 -9.54 -5.47
C ILE A 271 13.99 -8.92 -6.86
N VAL A 272 13.53 -9.71 -7.83
CA VAL A 272 13.48 -9.25 -9.23
C VAL A 272 12.06 -8.87 -9.63
N ILE A 273 11.89 -7.61 -10.02
CA ILE A 273 10.60 -7.10 -10.54
C ILE A 273 10.66 -7.27 -12.03
N PRO A 274 9.84 -8.15 -12.64
CA PRO A 274 9.84 -8.27 -14.08
C PRO A 274 9.49 -6.96 -14.75
N GLY A 275 10.03 -6.74 -15.95
CA GLY A 275 9.76 -5.52 -16.70
C GLY A 275 8.28 -5.22 -16.89
N ASP A 276 7.47 -6.24 -17.16
N ASP A 276 7.43 -6.20 -17.16
N ASP A 276 7.47 -6.24 -17.16
N ASP A 276 7.43 -6.20 -17.16
CA ASP A 276 6.02 -6.04 -17.40
CA ASP A 276 6.00 -5.89 -17.45
CA ASP A 276 6.02 -6.04 -17.40
CA ASP A 276 6.00 -5.89 -17.45
C ASP A 276 5.36 -5.38 -16.18
C ASP A 276 5.27 -5.48 -16.16
C ASP A 276 5.36 -5.38 -16.18
C ASP A 276 5.27 -5.48 -16.16
N TYR A 277 5.89 -5.62 -14.98
CA TYR A 277 5.29 -5.05 -13.74
C TYR A 277 5.41 -3.52 -13.72
N ILE A 278 6.36 -2.99 -14.52
CA ILE A 278 6.73 -1.55 -14.51
C ILE A 278 5.91 -0.80 -15.57
N ASP A 279 5.06 -1.48 -16.33
CA ASP A 279 4.22 -0.85 -17.39
C ASP A 279 2.86 -0.46 -16.79
N PHE A 280 2.56 0.85 -16.70
CA PHE A 280 1.26 1.31 -16.20
C PHE A 280 0.41 1.88 -17.34
N GLY A 281 0.75 1.52 -18.58
CA GLY A 281 -0.19 1.70 -19.69
C GLY A 281 -0.26 3.15 -20.16
N PRO A 282 -1.09 3.38 -21.18
CA PRO A 282 -1.16 4.70 -21.80
C PRO A 282 -1.44 5.82 -20.79
N ILE A 283 -0.82 6.97 -21.00
CA ILE A 283 -1.01 8.10 -20.08
C ILE A 283 -2.46 8.59 -20.15
N SER A 284 -3.07 8.48 -21.31
CA SER A 284 -4.47 8.84 -21.59
C SER A 284 -4.96 7.82 -22.58
N THR A 285 -6.28 7.60 -22.58
CA THR A 285 -6.79 6.56 -23.46
C THR A 285 -6.32 6.73 -24.91
N GLY A 286 -5.76 5.70 -25.53
CA GLY A 286 -5.33 5.69 -26.92
C GLY A 286 -3.97 6.30 -27.17
N SER A 287 -3.31 6.80 -26.13
CA SER A 287 -1.94 7.34 -26.28
C SER A 287 -0.95 6.23 -26.53
N SER A 288 0.08 6.52 -27.28
CA SER A 288 1.24 5.62 -27.38
C SER A 288 2.36 5.94 -26.39
N SER A 289 2.12 6.88 -25.50
N SER A 289 2.14 6.91 -25.50
N SER A 289 2.12 6.88 -25.50
N SER A 289 2.14 6.91 -25.50
CA SER A 289 3.02 7.19 -24.35
CA SER A 289 3.03 7.22 -24.36
CA SER A 289 3.02 7.19 -24.35
CA SER A 289 3.03 7.22 -24.36
C SER A 289 2.48 6.45 -23.13
C SER A 289 2.49 6.47 -23.13
C SER A 289 2.48 6.45 -23.13
C SER A 289 2.49 6.47 -23.13
N CYS A 290 3.34 5.64 -22.52
CA CYS A 290 2.97 4.81 -21.37
C CYS A 290 3.62 5.34 -20.10
N PHE A 291 2.92 5.16 -19.00
CA PHE A 291 3.41 5.68 -17.71
C PHE A 291 4.27 4.63 -17.02
N GLY A 292 5.43 5.08 -16.53
CA GLY A 292 6.33 4.16 -15.85
C GLY A 292 5.97 3.82 -14.42
N GLY A 293 6.30 2.60 -14.02
CA GLY A 293 6.01 2.12 -12.66
C GLY A 293 7.09 2.40 -11.65
N ILE A 294 8.23 2.88 -12.12
CA ILE A 294 9.35 3.31 -11.25
C ILE A 294 9.47 4.82 -11.45
N GLN A 295 9.38 5.59 -10.38
CA GLN A 295 9.33 7.06 -10.44
C GLN A 295 10.26 7.62 -9.37
N SER A 296 10.65 8.86 -9.55
CA SER A 296 11.50 9.52 -8.56
C SER A 296 10.74 9.81 -7.28
N SER A 297 11.44 9.61 -6.16
CA SER A 297 10.97 10.02 -4.83
C SER A 297 11.38 11.44 -4.48
N ALA A 298 12.07 12.14 -5.38
N ALA A 298 12.12 12.12 -5.35
N ALA A 298 12.07 12.14 -5.38
N ALA A 298 12.12 12.12 -5.35
CA ALA A 298 12.53 13.53 -5.11
CA ALA A 298 12.80 13.39 -4.99
CA ALA A 298 12.52 13.53 -5.10
CA ALA A 298 12.80 13.39 -4.99
C ALA A 298 11.29 14.43 -4.91
C ALA A 298 11.80 14.39 -4.39
C ALA A 298 11.29 14.43 -4.91
C ALA A 298 11.80 14.39 -4.39
N GLY A 299 11.22 15.12 -3.77
N GLY A 299 10.56 14.43 -4.87
N GLY A 299 11.22 15.12 -3.77
N GLY A 299 10.55 14.44 -4.88
CA GLY A 299 10.09 15.99 -3.41
CA GLY A 299 9.52 15.41 -4.46
CA GLY A 299 10.09 15.98 -3.41
CA GLY A 299 9.52 15.42 -4.48
C GLY A 299 9.08 15.29 -2.53
C GLY A 299 8.65 14.94 -3.30
C GLY A 299 9.07 15.28 -2.53
C GLY A 299 8.67 14.94 -3.31
N ILE A 300 9.06 13.94 -2.51
N ILE A 300 8.95 13.74 -2.74
N ILE A 300 9.03 13.94 -2.51
N ILE A 300 8.99 13.79 -2.69
CA ILE A 300 8.15 13.15 -1.63
CA ILE A 300 8.17 13.06 -1.65
CA ILE A 300 8.14 13.16 -1.62
CA ILE A 300 8.15 13.11 -1.66
C ILE A 300 8.82 13.02 -0.26
C ILE A 300 8.83 13.27 -0.29
C ILE A 300 8.81 13.06 -0.24
C ILE A 300 8.81 13.18 -0.28
N GLY A 301 10.15 13.07 -0.19
CA GLY A 301 10.86 13.08 1.08
C GLY A 301 11.08 11.69 1.66
N ILE A 302 10.61 10.64 0.97
CA ILE A 302 10.87 9.24 1.41
C ILE A 302 10.82 8.36 0.15
N ASN A 303 11.61 7.31 0.17
CA ASN A 303 11.52 6.26 -0.86
C ASN A 303 10.37 5.34 -0.48
N ILE A 304 9.65 4.87 -1.48
N ILE A 304 9.65 4.87 -1.48
N ILE A 304 9.62 4.89 -1.48
N ILE A 304 9.62 4.89 -1.48
CA ILE A 304 8.43 4.03 -1.24
CA ILE A 304 8.43 4.03 -1.24
CA ILE A 304 8.42 4.03 -1.22
CA ILE A 304 8.42 4.03 -1.22
C ILE A 304 8.53 2.76 -2.07
C ILE A 304 8.53 2.76 -2.07
C ILE A 304 8.52 2.77 -2.06
C ILE A 304 8.52 2.77 -2.06
N PHE A 305 8.63 1.62 -1.39
CA PHE A 305 8.51 0.30 -2.01
C PHE A 305 7.02 0.02 -2.02
N GLY A 306 6.35 0.50 -3.05
CA GLY A 306 4.92 0.28 -3.24
C GLY A 306 4.64 -1.02 -3.94
N ASP A 307 3.42 -1.12 -4.45
CA ASP A 307 2.91 -2.41 -4.99
C ASP A 307 3.82 -2.96 -6.08
N VAL A 308 4.33 -2.11 -6.98
CA VAL A 308 5.23 -2.60 -8.05
C VAL A 308 6.35 -3.46 -7.50
N ALA A 309 6.93 -3.05 -6.41
CA ALA A 309 7.99 -3.82 -5.75
C ALA A 309 7.42 -4.96 -4.92
N LEU A 310 6.45 -4.67 -4.10
CA LEU A 310 5.97 -5.70 -3.15
C LEU A 310 5.32 -6.90 -3.85
N LYS A 311 4.65 -6.67 -4.99
N LYS A 311 4.66 -6.70 -4.98
N LYS A 311 4.65 -6.67 -4.99
N LYS A 311 4.66 -6.70 -4.98
CA LYS A 311 3.96 -7.77 -5.71
CA LYS A 311 3.96 -7.83 -5.65
CA LYS A 311 3.96 -7.77 -5.71
CA LYS A 311 3.96 -7.83 -5.65
C LYS A 311 4.97 -8.76 -6.29
C LYS A 311 4.97 -8.77 -6.31
C LYS A 311 4.97 -8.76 -6.29
C LYS A 311 4.97 -8.77 -6.31
N ALA A 312 6.24 -8.39 -6.40
CA ALA A 312 7.28 -9.32 -6.83
C ALA A 312 7.74 -10.24 -5.70
N ALA A 313 7.25 -10.06 -4.49
CA ALA A 313 7.76 -10.81 -3.33
C ALA A 313 6.60 -11.33 -2.50
N PHE A 314 6.93 -12.27 -1.65
CA PHE A 314 6.12 -12.62 -0.47
C PHE A 314 6.71 -11.82 0.68
N VAL A 315 5.91 -11.01 1.33
CA VAL A 315 6.39 -10.01 2.28
C VAL A 315 5.81 -10.32 3.65
N VAL A 316 6.72 -10.46 4.62
CA VAL A 316 6.36 -10.69 6.04
C VAL A 316 6.51 -9.40 6.82
N PHE A 317 5.43 -8.95 7.41
CA PHE A 317 5.38 -7.81 8.33
C PHE A 317 5.38 -8.41 9.72
N ASN A 318 6.58 -8.46 10.32
CA ASN A 318 6.82 -9.16 11.61
C ASN A 318 6.64 -8.13 12.72
N GLY A 319 5.55 -8.23 13.47
CA GLY A 319 5.21 -7.31 14.56
C GLY A 319 5.66 -7.83 15.93
N ALA A 320 6.71 -8.61 15.97
CA ALA A 320 7.39 -9.00 17.23
C ALA A 320 7.81 -7.72 17.96
N THR A 321 8.20 -7.89 19.24
CA THR A 321 8.61 -6.75 20.09
C THR A 321 9.59 -5.85 19.35
N THR A 322 10.58 -6.43 18.67
CA THR A 322 11.40 -5.69 17.67
C THR A 322 10.89 -6.04 16.28
N PRO A 323 10.12 -5.15 15.62
CA PRO A 323 9.57 -5.52 14.32
C PRO A 323 10.69 -5.71 13.29
N THR A 324 10.42 -6.55 12.31
CA THR A 324 11.29 -6.73 11.15
C THR A 324 10.42 -6.97 9.91
N LEU A 325 11.03 -6.85 8.74
N LEU A 325 11.08 -7.07 8.77
N LEU A 325 11.03 -6.85 8.74
N LEU A 325 11.08 -7.07 8.77
CA LEU A 325 10.38 -7.21 7.46
CA LEU A 325 10.42 -7.18 7.46
CA LEU A 325 10.38 -7.21 7.46
CA LEU A 325 10.42 -7.18 7.46
C LEU A 325 11.09 -8.43 6.90
C LEU A 325 11.10 -8.31 6.67
C LEU A 325 11.09 -8.43 6.90
C LEU A 325 11.10 -8.31 6.67
N GLY A 326 10.34 -9.30 6.24
CA GLY A 326 10.88 -10.43 5.51
C GLY A 326 10.47 -10.39 4.06
N PHE A 327 11.36 -10.71 3.18
CA PHE A 327 11.07 -10.84 1.75
C PHE A 327 11.53 -12.15 1.22
N ALA A 328 10.69 -12.81 0.44
CA ALA A 328 11.01 -14.04 -0.31
C ALA A 328 10.61 -13.82 -1.76
N SER A 329 11.31 -14.49 -2.66
CA SER A 329 10.85 -14.65 -4.04
C SER A 329 9.65 -15.57 -4.06
N LYS A 330 8.88 -15.58 -5.16
CA LYS A 330 7.70 -16.47 -5.25
C LYS A 330 7.41 -16.81 -6.71
C5 A1CGR B . -5.47 6.41 -2.43
C5 A1CGR B . -5.47 6.41 -2.43
C6 A1CGR B . -4.62 7.50 -2.29
C6 A1CGR B . -4.62 7.50 -2.29
C7 A1CGR B . -3.56 7.42 -1.42
C7 A1CGR B . -3.56 7.42 -1.42
C8 A1CGR B . -3.32 6.29 -0.66
C8 A1CGR B . -3.32 6.29 -0.66
C15 A1CGR B . 2.74 8.15 -2.98
C15 A1CGR B . 2.74 8.16 -2.99
C17 A1CGR B . 1.85 9.72 -4.54
C17 A1CGR B . 1.84 9.72 -4.55
C20 A1CGR B . -4.19 5.21 -0.79
C20 A1CGR B . -4.19 5.21 -0.79
C21 A1CGR B . -5.26 5.26 -1.67
C21 A1CGR B . -5.26 5.26 -1.67
C1 A1CGR B . -7.53 7.91 -3.53
C1 A1CGR B . -7.53 7.91 -3.53
S2 A1CGR B . -6.68 6.39 -3.71
S2 A1CGR B . -6.68 6.39 -3.71
O3 A1CGR B . -7.59 5.31 -3.45
O3 A1CGR B . -7.59 5.31 -3.45
O4 A1CGR B . -5.98 6.40 -4.97
O4 A1CGR B . -5.98 6.40 -4.97
C9 A1CGR B . -2.07 6.16 0.18
C9 A1CGR B . -2.07 6.16 0.18
N10 A1CGR B . -0.85 6.18 -0.62
N10 A1CGR B . -0.86 6.19 -0.61
C11 A1CGR B . -0.10 7.31 -0.78
C11 A1CGR B . -0.10 7.31 -0.78
O12 A1CGR B . -0.47 8.41 -0.35
O12 A1CGR B . -0.46 8.40 -0.35
N13 A1CGR B . 1.05 7.15 -1.46
N13 A1CGR B . 1.05 7.15 -1.46
C14 A1CGR B . 1.98 8.26 -1.68
C14 A1CGR B . 1.97 8.26 -1.68
C16 A1CGR B . 1.86 8.24 -4.23
C16 A1CGR B . 1.84 8.24 -4.23
O18 A1CGR B . 2.79 10.36 -3.69
O18 A1CGR B . 2.78 10.37 -3.68
C19 A1CGR B . 3.64 9.36 -3.17
C19 A1CGR B . 3.63 9.36 -3.17
#